data_4D7U
#
_entry.id   4D7U
#
_cell.length_a   44.258
_cell.length_b   66.755
_cell.length_c   66.077
_cell.angle_alpha   90.00
_cell.angle_beta   101.26
_cell.angle_gamma   90.00
#
_symmetry.space_group_name_H-M   'P 1 21 1'
#
loop_
_entity.id
_entity.type
_entity.pdbx_description
1 polymer 'ENDOGLUCANASE II'
2 non-polymer 'COPPER (II) ION'
3 non-polymer GLYCEROL
4 water water
#
_entity_poly.entity_id   1
_entity_poly.type   'polypeptide(L)'
_entity_poly.pdbx_seq_one_letter_code
;HTIFQKVSVNGADQGQLKGIRAPANNNPVTDVMSSDIICNAVTMKDSNVLTVPAGAKVGHFWGHEIGGAAGPNDADNPIA
ASHKGPIMVYLAKVDNAATTGTSGLKWFKVAEAGLSNGKWAVDDLIANNGWSYFDMPTCIAPGQYLMRAELIALHNAGSQ
AGAQFYIGCAQINVTGGGSASPSNTVSFPGAYSASDPGILINIYGGSGKTDNGGKPYQIPGPALFTC
;
_entity_poly.pdbx_strand_id   A,B
#
loop_
_chem_comp.id
_chem_comp.type
_chem_comp.name
_chem_comp.formula
CU non-polymer 'COPPER (II) ION' 'Cu 2'
GOL non-polymer GLYCEROL 'C3 H8 O3'
#
# COMPACT_ATOMS: atom_id res chain seq x y z
N HIS A 1 -18.73 5.73 11.92
CA HIS A 1 -18.20 5.28 10.61
C HIS A 1 -17.69 6.49 9.87
N THR A 2 -16.37 6.58 9.76
CA THR A 2 -15.73 7.76 9.21
C THR A 2 -14.33 7.40 8.74
N ILE A 3 -13.78 8.20 7.83
CA ILE A 3 -12.46 7.96 7.23
C ILE A 3 -11.65 9.26 7.27
N PHE A 4 -10.42 9.16 7.78
CA PHE A 4 -9.45 10.26 7.76
C PHE A 4 -8.95 10.41 6.33
N GLN A 5 -9.16 11.58 5.74
CA GLN A 5 -8.93 11.71 4.29
C GLN A 5 -8.18 12.94 3.78
N LYS A 6 -7.90 13.92 4.64
CA LYS A 6 -7.16 15.11 4.23
C LYS A 6 -6.43 15.69 5.41
N VAL A 7 -5.31 16.35 5.12
CA VAL A 7 -4.59 17.16 6.08
C VAL A 7 -4.61 18.62 5.59
N SER A 8 -4.65 19.55 6.53
CA SER A 8 -4.39 20.96 6.25
C SER A 8 -3.19 21.42 7.08
N VAL A 9 -2.41 22.34 6.49
CA VAL A 9 -1.22 22.89 7.14
C VAL A 9 -1.38 24.41 7.16
N ASN A 10 -1.50 24.96 8.37
CA ASN A 10 -1.80 26.38 8.57
C ASN A 10 -2.95 26.87 7.69
N GLY A 11 -4.02 26.08 7.62
CA GLY A 11 -5.20 26.44 6.85
C GLY A 11 -5.21 26.01 5.38
N ALA A 12 -4.05 25.64 4.84
CA ALA A 12 -3.97 25.20 3.45
C ALA A 12 -4.33 23.74 3.33
N ASP A 13 -5.42 23.45 2.64
CA ASP A 13 -5.86 22.08 2.34
C ASP A 13 -4.79 21.40 1.49
N GLN A 14 -4.28 20.25 1.95
CA GLN A 14 -3.20 19.57 1.22
C GLN A 14 -3.68 18.73 0.05
N GLY A 15 -4.97 18.45 -0.01
CA GLY A 15 -5.54 17.67 -1.11
C GLY A 15 -6.19 16.37 -0.67
N GLN A 16 -7.25 16.00 -1.37
CA GLN A 16 -8.02 14.78 -1.05
C GLN A 16 -7.14 13.52 -1.13
N LEU A 17 -6.94 12.87 0.01
CA LEU A 17 -6.09 11.68 0.16
C LEU A 17 -4.61 11.88 -0.16
N LYS A 18 -4.17 13.12 -0.32
CA LYS A 18 -2.77 13.35 -0.62
C LYS A 18 -1.95 13.05 0.62
N GLY A 19 -0.97 12.17 0.47
CA GLY A 19 -0.13 11.75 1.57
C GLY A 19 -0.82 10.87 2.59
N ILE A 20 -2.01 10.36 2.26
CA ILE A 20 -2.81 9.60 3.22
C ILE A 20 -2.78 8.12 2.91
N ARG A 21 -2.59 7.30 3.94
CA ARG A 21 -2.76 5.87 3.84
C ARG A 21 -4.18 5.61 4.34
N ALA A 22 -5.01 5.07 3.46
CA ALA A 22 -6.44 4.98 3.72
C ALA A 22 -6.98 3.55 3.58
N PRO A 23 -8.05 3.24 4.35
CA PRO A 23 -8.76 1.98 4.22
C PRO A 23 -9.74 1.99 3.03
N ALA A 24 -10.27 0.82 2.71
CA ALA A 24 -11.22 0.66 1.60
C ALA A 24 -12.62 1.14 1.93
N ASN A 25 -12.93 1.26 3.21
CA ASN A 25 -14.27 1.62 3.65
C ASN A 25 -14.20 2.29 5.01
N ASN A 26 -15.36 2.71 5.52
CA ASN A 26 -15.45 3.42 6.81
C ASN A 26 -15.69 2.53 8.03
N ASN A 27 -15.50 1.21 7.90
CA ASN A 27 -15.71 0.32 9.04
C ASN A 27 -14.65 0.45 10.11
N PRO A 28 -15.05 0.31 11.38
CA PRO A 28 -14.07 0.44 12.46
C PRO A 28 -13.14 -0.75 12.61
N VAL A 29 -11.96 -0.47 13.14
CA VAL A 29 -11.09 -1.50 13.68
C VAL A 29 -11.59 -1.75 15.11
N THR A 30 -11.73 -3.01 15.48
CA THR A 30 -12.19 -3.37 16.83
C THR A 30 -11.20 -4.24 17.60
N ASP A 31 -10.16 -4.72 16.94
CA ASP A 31 -9.15 -5.56 17.59
C ASP A 31 -7.87 -4.76 17.84
N VAL A 32 -7.65 -4.39 19.10
CA VAL A 32 -6.48 -3.56 19.43
C VAL A 32 -5.15 -4.30 19.33
N MET A 33 -5.19 -5.63 19.22
CA MET A 33 -3.96 -6.42 19.02
C MET A 33 -3.69 -6.73 17.54
N SER A 34 -4.60 -6.36 16.66
CA SER A 34 -4.41 -6.51 15.21
C SER A 34 -3.45 -5.45 14.70
N SER A 35 -2.66 -5.80 13.69
CA SER A 35 -1.85 -4.80 13.00
C SER A 35 -2.72 -3.69 12.38
N ASP A 36 -4.01 -3.96 12.14
CA ASP A 36 -4.93 -2.91 11.68
C ASP A 36 -5.01 -1.72 12.65
N ILE A 37 -4.65 -1.90 13.90
CA ILE A 37 -4.71 -0.80 14.87
C ILE A 37 -3.63 0.26 14.60
N ILE A 38 -2.65 -0.06 13.76
CA ILE A 38 -1.55 0.88 13.50
C ILE A 38 -2.04 2.03 12.62
N CYS A 39 -2.40 1.70 11.38
N CYS A 39 -2.42 1.69 11.39
CA CYS A 39 -2.83 2.69 10.39
CA CYS A 39 -2.85 2.68 10.41
C CYS A 39 -4.15 2.28 9.71
C CYS A 39 -4.09 2.21 9.68
N ASN A 40 -4.91 1.39 10.33
CA ASN A 40 -6.10 0.77 9.70
C ASN A 40 -5.68 -0.30 8.69
N ALA A 41 -6.67 -0.96 8.08
CA ALA A 41 -6.41 -1.92 7.03
C ALA A 41 -6.23 -1.16 5.72
N VAL A 42 -4.99 -0.77 5.45
CA VAL A 42 -4.67 0.15 4.36
C VAL A 42 -4.81 -0.52 3.01
N THR A 43 -5.59 0.08 2.12
CA THR A 43 -5.69 -0.43 0.76
C THR A 43 -5.30 0.56 -0.32
N MET A 44 -5.08 1.82 0.05
CA MET A 44 -4.56 2.78 -0.92
C MET A 44 -3.60 3.74 -0.24
N LYS A 45 -2.56 4.09 -0.98
CA LYS A 45 -1.58 5.05 -0.51
C LYS A 45 -0.97 5.69 -1.72
N ASP A 46 -0.14 6.69 -1.49
CA ASP A 46 0.58 7.34 -2.56
C ASP A 46 2.02 7.54 -2.11
N SER A 47 2.82 8.18 -2.95
N SER A 47 2.83 8.19 -2.95
CA SER A 47 4.22 8.46 -2.63
CA SER A 47 4.22 8.46 -2.63
C SER A 47 4.44 9.91 -2.20
C SER A 47 4.44 9.92 -2.22
N ASN A 48 3.36 10.62 -1.89
CA ASN A 48 3.45 12.03 -1.51
C ASN A 48 3.71 12.18 -0.02
N VAL A 49 4.61 13.11 0.30
CA VAL A 49 4.95 13.42 1.68
C VAL A 49 4.67 14.91 1.91
N LEU A 50 3.78 15.20 2.85
CA LEU A 50 3.32 16.57 3.07
C LEU A 50 4.32 17.36 3.89
N THR A 51 4.55 18.60 3.50
CA THR A 51 5.46 19.48 4.21
C THR A 51 4.73 20.11 5.38
N VAL A 52 5.27 19.95 6.59
CA VAL A 52 4.64 20.46 7.81
C VAL A 52 5.67 21.20 8.66
N PRO A 53 5.60 22.55 8.67
CA PRO A 53 6.53 23.24 9.55
C PRO A 53 6.29 22.90 11.01
N ALA A 54 7.37 22.73 11.77
CA ALA A 54 7.27 22.60 13.22
C ALA A 54 6.57 23.86 13.72
N GLY A 55 5.64 23.68 14.64
CA GLY A 55 4.83 24.79 15.13
C GLY A 55 3.57 25.08 14.34
N ALA A 56 3.40 24.46 13.17
CA ALA A 56 2.23 24.74 12.34
C ALA A 56 0.96 24.19 12.97
N LYS A 57 -0.15 24.85 12.66
CA LYS A 57 -1.47 24.35 13.01
C LYS A 57 -1.84 23.29 11.98
N VAL A 58 -1.97 22.05 12.43
CA VAL A 58 -2.27 20.94 11.54
C VAL A 58 -3.73 20.52 11.70
N GLY A 59 -4.43 20.42 10.58
CA GLY A 59 -5.81 19.94 10.58
C GLY A 59 -5.84 18.55 9.98
N HIS A 60 -6.69 17.70 10.56
CA HIS A 60 -7.01 16.41 9.96
C HIS A 60 -8.52 16.31 9.76
N PHE A 61 -8.91 15.92 8.55
CA PHE A 61 -10.30 15.96 8.12
C PHE A 61 -10.87 14.56 8.02
N TRP A 62 -12.07 14.41 8.55
CA TRP A 62 -12.75 13.12 8.60
C TRP A 62 -14.08 13.25 7.89
N GLY A 63 -14.43 12.24 7.10
CA GLY A 63 -15.68 12.22 6.36
C GLY A 63 -16.29 10.84 6.34
N HIS A 64 -17.62 10.79 6.24
CA HIS A 64 -18.35 9.55 6.36
C HIS A 64 -17.91 8.54 5.30
N GLU A 65 -17.63 9.05 4.11
CA GLU A 65 -17.14 8.25 3.00
C GLU A 65 -16.03 9.04 2.33
N ILE A 66 -15.41 8.45 1.31
CA ILE A 66 -14.37 9.12 0.56
C ILE A 66 -14.93 10.29 -0.28
N GLY A 67 -14.52 11.50 0.06
CA GLY A 67 -14.82 12.71 -0.72
C GLY A 67 -16.28 12.94 -1.05
N GLY A 68 -16.58 12.88 -2.35
CA GLY A 68 -17.94 13.13 -2.84
C GLY A 68 -18.98 12.11 -2.38
N ALA A 69 -18.54 10.93 -1.96
CA ALA A 69 -19.45 9.88 -1.49
C ALA A 69 -20.11 10.20 -0.15
N ALA A 70 -19.66 11.27 0.50
CA ALA A 70 -20.33 11.83 1.69
C ALA A 70 -20.70 13.28 1.40
N GLY A 71 -21.97 13.63 1.67
CA GLY A 71 -22.49 14.95 1.36
C GLY A 71 -22.69 15.83 2.58
N PRO A 72 -22.97 17.12 2.35
CA PRO A 72 -23.24 18.07 3.45
C PRO A 72 -24.58 17.81 4.14
N ASN A 73 -25.44 17.05 3.49
CA ASN A 73 -26.74 16.67 4.04
C ASN A 73 -26.71 15.44 4.95
N ASP A 74 -25.60 14.71 4.91
CA ASP A 74 -25.47 13.48 5.67
C ASP A 74 -25.40 13.81 7.17
N ALA A 75 -26.37 13.31 7.94
CA ALA A 75 -26.40 13.49 9.39
C ALA A 75 -25.27 12.74 10.09
N ASP A 76 -24.69 11.75 9.40
CA ASP A 76 -23.56 10.99 9.91
C ASP A 76 -22.23 11.43 9.27
N ASN A 77 -22.17 12.66 8.78
CA ASN A 77 -20.96 13.23 8.20
C ASN A 77 -20.66 14.54 8.95
N PRO A 78 -19.48 14.69 9.54
CA PRO A 78 -18.33 13.78 9.42
C PRO A 78 -18.47 12.42 10.07
N ILE A 79 -19.30 12.33 11.10
CA ILE A 79 -19.55 11.09 11.82
C ILE A 79 -20.90 11.21 12.50
N ALA A 80 -21.54 10.08 12.77
CA ALA A 80 -22.80 10.07 13.52
C ALA A 80 -22.62 10.73 14.88
N ALA A 81 -23.59 11.56 15.27
CA ALA A 81 -23.56 12.28 16.54
C ALA A 81 -23.50 11.35 17.76
N SER A 82 -24.03 10.15 17.61
CA SER A 82 -23.99 9.12 18.65
C SER A 82 -22.58 8.67 19.01
N HIS A 83 -21.65 8.79 18.07
CA HIS A 83 -20.31 8.20 18.17
C HIS A 83 -19.37 9.00 19.06
N LYS A 84 -19.77 9.23 20.31
CA LYS A 84 -18.97 10.04 21.24
C LYS A 84 -17.65 9.36 21.56
N GLY A 85 -16.58 10.15 21.65
CA GLY A 85 -15.31 9.63 22.09
C GLY A 85 -14.17 10.61 21.86
N PRO A 86 -12.94 10.17 22.14
CA PRO A 86 -11.75 10.98 22.02
C PRO A 86 -11.15 11.00 20.62
N ILE A 87 -10.32 12.00 20.35
CA ILE A 87 -9.56 12.10 19.10
C ILE A 87 -8.11 12.34 19.47
N MET A 88 -7.20 11.59 18.85
N MET A 88 -7.18 11.60 18.87
CA MET A 88 -5.76 11.67 19.15
CA MET A 88 -5.76 11.81 19.16
C MET A 88 -4.90 11.66 17.90
C MET A 88 -4.89 11.63 17.93
N VAL A 89 -3.67 12.16 18.03
CA VAL A 89 -2.68 12.10 16.97
C VAL A 89 -1.34 11.64 17.56
N TYR A 90 -0.70 10.69 16.87
CA TYR A 90 0.63 10.21 17.22
C TYR A 90 1.58 10.44 16.05
N LEU A 91 2.87 10.51 16.35
CA LEU A 91 3.90 10.49 15.30
C LEU A 91 4.89 9.37 15.53
N ALA A 92 5.52 8.91 14.44
CA ALA A 92 6.64 7.99 14.53
C ALA A 92 7.69 8.45 13.54
N LYS A 93 8.93 8.59 14.01
CA LYS A 93 10.03 8.94 13.13
C LYS A 93 10.36 7.75 12.22
N VAL A 94 10.50 8.03 10.93
CA VAL A 94 10.81 7.00 9.94
C VAL A 94 11.88 7.49 8.96
N ASP A 95 12.45 6.57 8.19
CA ASP A 95 13.46 6.92 7.20
C ASP A 95 12.87 7.66 6.00
N ASN A 96 11.76 7.15 5.50
CA ASN A 96 11.09 7.73 4.35
C ASN A 96 9.60 7.46 4.55
N ALA A 97 8.82 8.53 4.71
CA ALA A 97 7.41 8.38 5.05
C ALA A 97 6.60 7.73 3.92
N ALA A 98 7.06 7.87 2.68
CA ALA A 98 6.37 7.27 1.54
C ALA A 98 6.60 5.76 1.42
N THR A 99 7.74 5.26 1.89
CA THR A 99 8.10 3.85 1.68
C THR A 99 8.12 3.00 2.95
N THR A 100 8.10 3.64 4.11
CA THR A 100 8.22 2.91 5.35
C THR A 100 7.09 1.92 5.54
N GLY A 101 7.42 0.77 6.13
CA GLY A 101 6.41 -0.13 6.68
C GLY A 101 5.93 0.43 8.00
N THR A 102 4.92 -0.20 8.58
CA THR A 102 4.28 0.32 9.79
C THR A 102 4.53 -0.52 11.04
N SER A 103 5.11 -1.72 10.88
CA SER A 103 5.36 -2.60 12.01
C SER A 103 6.60 -2.14 12.78
N GLY A 104 6.53 -2.22 14.11
CA GLY A 104 7.70 -1.97 14.95
C GLY A 104 8.16 -0.53 15.07
N LEU A 105 7.31 0.43 14.74
CA LEU A 105 7.66 1.85 14.86
C LEU A 105 7.55 2.33 16.30
N LYS A 106 8.22 3.44 16.60
CA LYS A 106 8.21 4.01 17.93
C LYS A 106 7.32 5.25 17.96
N TRP A 107 6.13 5.08 18.49
CA TRP A 107 5.11 6.12 18.42
C TRP A 107 5.12 7.01 19.67
N PHE A 108 4.88 8.31 19.47
CA PHE A 108 4.65 9.22 20.57
C PHE A 108 3.42 10.07 20.28
N LYS A 109 2.70 10.44 21.34
CA LYS A 109 1.44 11.15 21.20
C LYS A 109 1.72 12.64 21.15
N VAL A 110 1.16 13.33 20.16
CA VAL A 110 1.31 14.77 20.05
C VAL A 110 0.04 15.57 20.27
N ALA A 111 -1.12 14.91 20.24
CA ALA A 111 -2.37 15.59 20.52
C ALA A 111 -3.42 14.62 21.03
N GLU A 112 -4.25 15.10 21.95
CA GLU A 112 -5.41 14.34 22.41
C GLU A 112 -6.50 15.26 22.92
N ALA A 113 -7.74 14.81 22.74
CA ALA A 113 -8.90 15.46 23.33
C ALA A 113 -9.87 14.37 23.73
N GLY A 114 -10.52 14.53 24.87
CA GLY A 114 -11.41 13.51 25.40
C GLY A 114 -12.77 14.08 25.70
N LEU A 115 -13.08 14.15 27.00
CA LEU A 115 -14.37 14.67 27.49
C LEU A 115 -14.06 15.80 28.47
N SER A 116 -14.71 16.93 28.27
CA SER A 116 -14.58 18.04 29.21
C SER A 116 -15.84 18.87 29.27
N ASN A 117 -16.36 19.05 30.48
CA ASN A 117 -17.50 19.89 30.70
C ASN A 117 -18.71 19.43 29.89
N GLY A 118 -18.84 18.11 29.71
CA GLY A 118 -19.96 17.52 28.99
C GLY A 118 -19.82 17.38 27.48
N LYS A 119 -18.71 17.88 26.93
N LYS A 119 -18.68 17.83 26.94
CA LYS A 119 -18.51 17.87 25.48
CA LYS A 119 -18.45 17.90 25.51
C LYS A 119 -17.35 16.95 25.12
C LYS A 119 -17.32 16.95 25.12
N TRP A 120 -17.56 16.09 24.13
CA TRP A 120 -16.52 15.17 23.66
C TRP A 120 -15.75 15.77 22.49
N ALA A 121 -14.55 15.25 22.27
CA ALA A 121 -13.75 15.62 21.09
C ALA A 121 -14.55 15.49 19.80
N VAL A 122 -15.34 14.41 19.70
CA VAL A 122 -16.20 14.21 18.52
C VAL A 122 -17.21 15.35 18.32
N ASP A 123 -17.71 15.93 19.40
CA ASP A 123 -18.61 17.08 19.30
C ASP A 123 -17.90 18.28 18.66
N ASP A 124 -16.63 18.48 19.04
CA ASP A 124 -15.81 19.53 18.43
C ASP A 124 -15.63 19.27 16.93
N LEU A 125 -15.37 18.01 16.58
CA LEU A 125 -15.19 17.60 15.19
C LEU A 125 -16.42 17.94 14.35
N ILE A 126 -17.59 17.66 14.89
CA ILE A 126 -18.86 17.97 14.23
C ILE A 126 -19.04 19.49 14.10
N ALA A 127 -18.79 20.22 15.18
CA ALA A 127 -18.90 21.68 15.19
C ALA A 127 -17.96 22.33 14.16
N ASN A 128 -16.79 21.74 13.97
CA ASN A 128 -15.80 22.25 13.02
C ASN A 128 -15.86 21.58 11.65
N ASN A 129 -17.01 21.00 11.31
CA ASN A 129 -17.30 20.52 9.96
C ASN A 129 -16.34 19.45 9.46
N GLY A 130 -15.93 18.56 10.37
CA GLY A 130 -15.09 17.41 10.01
C GLY A 130 -13.61 17.60 10.26
N TRP A 131 -13.21 18.78 10.73
CA TRP A 131 -11.80 19.08 10.96
C TRP A 131 -11.46 19.05 12.45
N SER A 132 -10.32 18.42 12.77
CA SER A 132 -9.75 18.46 14.12
C SER A 132 -8.33 19.01 13.98
N TYR A 133 -7.89 19.76 14.98
CA TYR A 133 -6.64 20.52 14.88
C TYR A 133 -5.70 20.27 16.04
N PHE A 134 -4.41 20.43 15.77
CA PHE A 134 -3.41 20.47 16.82
C PHE A 134 -2.21 21.27 16.32
N ASP A 135 -1.39 21.74 17.26
CA ASP A 135 -0.16 22.43 16.89
C ASP A 135 1.01 21.45 16.91
N MET A 136 1.69 21.31 15.78
CA MET A 136 2.87 20.47 15.69
C MET A 136 3.92 21.01 16.65
N PRO A 137 4.45 20.15 17.55
CA PRO A 137 5.47 20.64 18.49
C PRO A 137 6.62 21.36 17.77
N THR A 138 7.05 22.48 18.36
CA THR A 138 8.10 23.30 17.77
C THR A 138 9.49 22.67 17.87
N CYS A 139 9.73 21.87 18.92
N CYS A 139 9.64 21.76 18.84
CA CYS A 139 11.08 21.44 19.30
CA CYS A 139 10.92 21.15 19.16
C CYS A 139 11.50 20.10 18.70
C CYS A 139 11.25 19.87 18.38
N ILE A 140 10.59 19.50 17.94
N ILE A 140 10.26 19.08 17.95
CA ILE A 140 10.73 18.16 17.37
CA ILE A 140 10.65 17.80 17.37
C ILE A 140 11.77 18.14 16.25
C ILE A 140 11.67 18.04 16.27
N ALA A 141 12.56 17.06 16.14
CA ALA A 141 13.56 17.01 15.08
C ALA A 141 12.85 17.03 13.72
N PRO A 142 13.46 17.72 12.73
CA PRO A 142 12.86 17.77 11.41
C PRO A 142 12.94 16.43 10.71
N GLY A 143 12.19 16.28 9.62
CA GLY A 143 12.30 15.10 8.77
C GLY A 143 11.05 14.25 8.67
N GLN A 144 11.24 13.00 8.29
CA GLN A 144 10.15 12.11 7.89
C GLN A 144 9.46 11.49 9.10
N TYR A 145 8.13 11.60 9.13
CA TYR A 145 7.30 10.97 10.15
C TYR A 145 6.08 10.36 9.51
N LEU A 146 5.55 9.30 10.12
CA LEU A 146 4.17 8.90 9.91
C LEU A 146 3.33 9.56 10.99
N MET A 147 2.18 10.08 10.60
CA MET A 147 1.24 10.71 11.53
C MET A 147 0.01 9.85 11.64
N ARG A 148 -0.25 9.29 12.81
CA ARG A 148 -1.39 8.41 13.01
C ARG A 148 -2.51 9.20 13.67
N ALA A 149 -3.64 9.34 12.97
CA ALA A 149 -4.81 10.04 13.50
C ALA A 149 -5.90 9.03 13.86
N GLU A 150 -6.54 9.27 15.01
CA GLU A 150 -7.42 8.28 15.60
C GLU A 150 -8.63 8.92 16.26
N LEU A 151 -9.79 8.30 16.01
CA LEU A 151 -11.05 8.68 16.64
C LEU A 151 -11.62 7.38 17.20
N ILE A 152 -11.97 7.37 18.47
CA ILE A 152 -12.55 6.17 19.09
C ILE A 152 -13.99 6.46 19.45
N ALA A 153 -14.93 5.77 18.80
CA ALA A 153 -16.35 5.92 19.11
C ALA A 153 -16.75 4.91 20.19
N LEU A 154 -17.37 5.42 21.26
CA LEU A 154 -17.59 4.67 22.48
C LEU A 154 -19.06 4.34 22.77
N HIS A 155 -19.94 4.58 21.82
CA HIS A 155 -21.37 4.34 22.03
C HIS A 155 -21.75 2.87 22.26
N ASN A 156 -20.89 1.94 21.86
CA ASN A 156 -21.05 0.52 22.17
C ASN A 156 -19.82 -0.06 22.87
N ALA A 157 -19.12 0.76 23.64
CA ALA A 157 -17.85 0.37 24.22
C ALA A 157 -17.96 -0.37 25.56
N GLY A 158 -19.20 -0.57 26.03
CA GLY A 158 -19.40 -1.27 27.29
C GLY A 158 -19.10 -2.76 27.22
N SER A 159 -19.02 -3.30 26.01
CA SER A 159 -18.70 -4.72 25.80
C SER A 159 -17.28 -4.86 25.25
N GLN A 160 -16.68 -6.04 25.46
CA GLN A 160 -15.34 -6.34 24.94
C GLN A 160 -15.31 -6.19 23.43
N ALA A 161 -14.30 -5.46 22.95
CA ALA A 161 -14.12 -5.16 21.54
C ALA A 161 -15.30 -4.37 20.94
N GLY A 162 -16.04 -3.66 21.79
CA GLY A 162 -17.16 -2.84 21.33
C GLY A 162 -16.74 -1.44 20.91
N ALA A 163 -15.66 -0.92 21.50
CA ALA A 163 -15.09 0.36 21.08
C ALA A 163 -14.77 0.31 19.60
N GLN A 164 -15.04 1.40 18.90
CA GLN A 164 -14.88 1.44 17.45
C GLN A 164 -13.76 2.40 17.10
N PHE A 165 -12.66 1.88 16.57
CA PHE A 165 -11.49 2.69 16.26
C PHE A 165 -11.49 3.09 14.78
N TYR A 166 -11.44 4.39 14.54
CA TYR A 166 -11.36 4.95 13.19
C TYR A 166 -9.98 5.59 13.08
N ILE A 167 -9.19 5.10 12.13
CA ILE A 167 -7.76 5.35 12.11
C ILE A 167 -7.27 5.55 10.69
N GLY A 168 -6.28 6.42 10.53
CA GLY A 168 -5.54 6.48 9.28
C GLY A 168 -4.21 7.12 9.56
N CYS A 169 -3.32 7.05 8.57
N CYS A 169 -3.31 7.08 8.59
CA CYS A 169 -1.99 7.64 8.70
CA CYS A 169 -2.03 7.75 8.80
C CYS A 169 -1.70 8.61 7.56
C CYS A 169 -1.59 8.54 7.58
N ALA A 170 -0.91 9.65 7.86
CA ALA A 170 -0.44 10.58 6.85
C ALA A 170 1.08 10.53 6.81
N GLN A 171 1.62 10.78 5.62
CA GLN A 171 3.06 10.77 5.38
C GLN A 171 3.53 12.20 5.39
N ILE A 172 4.36 12.56 6.38
CA ILE A 172 4.76 13.97 6.54
C ILE A 172 6.26 14.17 6.65
N ASN A 173 6.66 15.41 6.37
CA ASN A 173 8.03 15.88 6.47
C ASN A 173 8.01 17.17 7.27
N VAL A 174 8.52 17.12 8.50
CA VAL A 174 8.54 18.27 9.39
C VAL A 174 9.72 19.15 9.03
N THR A 175 9.47 20.43 8.82
CA THR A 175 10.54 21.38 8.48
C THR A 175 10.79 22.35 9.62
N GLY A 176 11.96 22.96 9.62
CA GLY A 176 12.40 23.80 10.73
C GLY A 176 12.64 22.93 11.94
N GLY A 177 11.97 23.23 13.05
CA GLY A 177 12.02 22.35 14.22
C GLY A 177 13.33 22.36 14.97
N GLY A 178 13.41 21.49 15.97
CA GLY A 178 14.53 21.46 16.89
C GLY A 178 15.29 20.16 16.80
N SER A 179 15.61 19.58 17.96
CA SER A 179 16.38 18.35 18.01
C SER A 179 15.79 17.31 18.96
N ALA A 180 14.54 17.51 19.38
CA ALA A 180 13.94 16.60 20.34
C ALA A 180 13.57 15.27 19.68
N SER A 181 14.03 14.18 20.30
N SER A 181 14.00 14.17 20.32
CA SER A 181 13.67 12.82 19.92
CA SER A 181 13.66 12.81 19.89
C SER A 181 13.10 12.15 21.16
C SER A 181 13.10 12.07 21.09
N PRO A 182 11.76 12.10 21.28
CA PRO A 182 11.08 11.57 22.48
C PRO A 182 11.66 10.27 23.01
N SER A 183 12.05 10.27 24.28
CA SER A 183 12.72 9.13 24.88
C SER A 183 11.73 8.02 25.23
N ASN A 184 10.50 8.41 25.54
CA ASN A 184 9.45 7.46 25.88
C ASN A 184 8.49 7.31 24.70
N THR A 185 8.45 6.11 24.13
CA THR A 185 7.57 5.82 23.00
C THR A 185 6.76 4.57 23.29
N VAL A 186 5.75 4.32 22.45
CA VAL A 186 4.92 3.14 22.60
C VAL A 186 4.84 2.37 21.28
N SER A 187 4.39 1.13 21.37
CA SER A 187 4.22 0.26 20.22
C SER A 187 2.76 0.15 19.83
N PHE A 188 2.52 0.02 18.53
CA PHE A 188 1.21 -0.42 18.04
C PHE A 188 1.42 -1.64 17.15
N PRO A 189 0.69 -2.74 17.40
CA PRO A 189 -0.13 -2.94 18.60
C PRO A 189 0.72 -2.95 19.87
N GLY A 190 0.08 -2.80 21.02
CA GLY A 190 0.75 -2.90 22.31
C GLY A 190 0.32 -1.82 23.29
N ALA A 191 0.20 -0.60 22.78
CA ALA A 191 -0.13 0.55 23.61
C ALA A 191 -1.51 0.46 24.27
N TYR A 192 -2.45 -0.19 23.58
CA TYR A 192 -3.82 -0.33 24.09
C TYR A 192 -4.12 -1.76 24.52
N SER A 193 -4.94 -1.87 25.56
CA SER A 193 -5.53 -3.13 25.98
C SER A 193 -7.03 -2.99 25.82
N ALA A 194 -7.69 -4.10 25.48
CA ALA A 194 -9.15 -4.12 25.38
C ALA A 194 -9.86 -3.85 26.73
N SER A 195 -9.14 -3.92 27.84
N SER A 195 -9.15 -3.93 27.84
CA SER A 195 -9.68 -3.62 29.16
CA SER A 195 -9.73 -3.60 29.14
C SER A 195 -9.36 -2.21 29.66
C SER A 195 -9.28 -2.24 29.70
N ASP A 196 -8.66 -1.40 28.86
CA ASP A 196 -8.30 -0.03 29.29
C ASP A 196 -9.55 0.73 29.73
N PRO A 197 -9.42 1.60 30.74
CA PRO A 197 -10.59 2.31 31.28
C PRO A 197 -11.26 3.28 30.29
N GLY A 198 -10.57 3.67 29.23
CA GLY A 198 -11.14 4.52 28.19
C GLY A 198 -11.58 3.77 26.95
N ILE A 199 -11.44 2.45 26.98
CA ILE A 199 -11.79 1.57 25.85
C ILE A 199 -12.96 0.64 26.20
N LEU A 200 -12.86 -0.02 27.36
CA LEU A 200 -13.95 -0.81 27.90
C LEU A 200 -14.68 0.09 28.90
N ILE A 201 -15.79 0.68 28.46
CA ILE A 201 -16.40 1.79 29.19
C ILE A 201 -17.84 1.96 28.78
N ASN A 202 -18.69 2.12 29.78
CA ASN A 202 -20.09 2.45 29.60
C ASN A 202 -20.23 3.95 29.79
N ILE A 203 -20.45 4.68 28.70
CA ILE A 203 -20.49 6.15 28.74
C ILE A 203 -21.88 6.74 28.98
N TYR A 204 -22.86 5.89 29.31
CA TYR A 204 -24.24 6.32 29.52
C TYR A 204 -24.48 6.61 31.00
N GLY A 205 -24.98 7.81 31.27
CA GLY A 205 -25.15 8.26 32.66
C GLY A 205 -26.53 7.99 33.22
N GLY A 206 -26.86 8.69 34.30
CA GLY A 206 -28.08 8.45 35.06
C GLY A 206 -29.37 8.55 34.27
N SER A 207 -29.40 9.49 33.33
CA SER A 207 -30.58 9.75 32.51
C SER A 207 -30.47 9.14 31.11
N GLY A 208 -29.49 8.25 30.93
CA GLY A 208 -29.34 7.49 29.70
C GLY A 208 -28.66 8.22 28.55
N LYS A 209 -27.97 9.33 28.86
CA LYS A 209 -27.26 10.10 27.85
C LYS A 209 -25.78 9.80 27.88
N THR A 210 -25.10 10.15 26.79
CA THR A 210 -23.68 9.85 26.62
C THR A 210 -22.75 10.84 27.36
N ASP A 211 -23.03 11.07 28.63
CA ASP A 211 -22.31 12.06 29.44
C ASP A 211 -21.24 11.43 30.36
N ASN A 212 -21.03 10.12 30.22
CA ASN A 212 -20.12 9.37 31.08
C ASN A 212 -20.41 9.53 32.57
N GLY A 213 -21.65 9.85 32.93
CA GLY A 213 -22.02 10.10 34.32
C GLY A 213 -21.26 11.25 34.96
N GLY A 214 -20.74 12.13 34.12
CA GLY A 214 -19.91 13.25 34.58
C GLY A 214 -18.53 12.89 35.08
N LYS A 215 -18.12 11.63 34.87
CA LYS A 215 -16.88 11.13 35.42
C LYS A 215 -15.73 11.49 34.48
N PRO A 216 -14.53 11.70 35.03
CA PRO A 216 -13.36 11.92 34.18
C PRO A 216 -13.18 10.79 33.18
N TYR A 217 -12.85 11.13 31.95
CA TYR A 217 -12.58 10.13 30.93
C TYR A 217 -11.07 9.97 30.73
N GLN A 218 -10.56 8.76 30.88
CA GLN A 218 -9.13 8.50 30.70
C GLN A 218 -8.81 8.12 29.26
N ILE A 219 -8.23 9.06 28.53
CA ILE A 219 -7.90 8.84 27.13
C ILE A 219 -6.84 7.75 27.08
N PRO A 220 -7.02 6.74 26.21
CA PRO A 220 -6.02 5.67 26.12
C PRO A 220 -4.66 6.13 25.64
N GLY A 221 -3.64 5.37 25.99
CA GLY A 221 -2.29 5.62 25.51
C GLY A 221 -1.48 6.48 26.46
N PRO A 222 -0.29 6.87 26.02
CA PRO A 222 0.66 7.57 26.87
C PRO A 222 0.36 9.05 27.06
N ALA A 223 1.15 9.68 27.93
CA ALA A 223 1.14 11.12 28.07
C ALA A 223 1.58 11.76 26.77
N LEU A 224 1.24 13.03 26.57
CA LEU A 224 1.66 13.78 25.41
C LEU A 224 3.14 14.07 25.46
N PHE A 225 3.78 14.04 24.30
CA PHE A 225 5.09 14.66 24.17
C PHE A 225 4.91 16.16 23.99
N THR A 226 5.62 16.97 24.77
CA THR A 226 5.43 18.42 24.73
C THR A 226 6.72 19.21 24.54
N CYS A 227 6.60 20.45 24.04
N CYS A 227 6.52 20.37 23.92
CA CYS A 227 7.74 21.37 23.93
CA CYS A 227 7.49 21.44 23.76
C CYS A 227 7.50 22.66 24.71
C CYS A 227 8.43 21.58 24.95
N HIS B 1 17.33 -2.89 -14.67
CA HIS B 1 16.62 -1.94 -13.79
C HIS B 1 15.48 -1.32 -14.57
N THR B 2 14.27 -1.71 -14.19
CA THR B 2 13.07 -1.33 -14.92
C THR B 2 11.86 -1.52 -13.99
N ILE B 3 10.77 -0.85 -14.30
CA ILE B 3 9.53 -0.89 -13.50
C ILE B 3 8.33 -1.07 -14.43
N PHE B 4 7.49 -2.05 -14.09
CA PHE B 4 6.23 -2.33 -14.78
C PHE B 4 5.25 -1.26 -14.31
N GLN B 5 4.73 -0.46 -15.23
CA GLN B 5 4.03 0.76 -14.82
C GLN B 5 2.75 1.13 -15.58
N LYS B 6 2.37 0.38 -16.59
CA LYS B 6 1.01 0.50 -17.11
C LYS B 6 0.60 -0.68 -17.98
N VAL B 7 -0.71 -0.77 -18.18
CA VAL B 7 -1.34 -1.84 -18.93
C VAL B 7 -2.13 -1.23 -20.09
N SER B 8 -2.16 -1.94 -21.21
CA SER B 8 -3.08 -1.61 -22.30
C SER B 8 -4.02 -2.78 -22.54
N VAL B 9 -5.23 -2.46 -22.98
CA VAL B 9 -6.26 -3.44 -23.25
C VAL B 9 -6.78 -3.22 -24.66
N ASN B 10 -6.53 -4.18 -25.55
CA ASN B 10 -6.81 -4.03 -26.98
C ASN B 10 -6.30 -2.70 -27.54
N GLY B 11 -5.06 -2.36 -27.20
CA GLY B 11 -4.40 -1.17 -27.70
C GLY B 11 -4.67 0.10 -26.91
N ALA B 12 -5.63 0.05 -25.98
CA ALA B 12 -5.98 1.21 -25.16
C ALA B 12 -5.13 1.29 -23.90
N ASP B 13 -4.23 2.27 -23.87
CA ASP B 13 -3.36 2.54 -22.73
C ASP B 13 -4.21 3.00 -21.53
N GLN B 14 -4.12 2.28 -20.42
CA GLN B 14 -4.93 2.57 -19.23
C GLN B 14 -4.36 3.70 -18.37
N GLY B 15 -3.11 4.08 -18.62
CA GLY B 15 -2.49 5.23 -17.97
C GLY B 15 -1.49 4.86 -16.88
N GLN B 16 -0.51 5.73 -16.69
CA GLN B 16 0.60 5.49 -15.76
C GLN B 16 0.12 5.06 -14.37
N LEU B 17 0.57 3.88 -13.96
CA LEU B 17 0.30 3.28 -12.66
C LEU B 17 -1.16 3.01 -12.33
N LYS B 18 -2.05 3.13 -13.31
CA LYS B 18 -3.46 2.90 -13.03
C LYS B 18 -3.71 1.41 -12.86
N GLY B 19 -4.20 1.05 -11.68
CA GLY B 19 -4.42 -0.35 -11.32
C GLY B 19 -3.15 -1.12 -11.04
N ILE B 20 -2.01 -0.43 -10.89
CA ILE B 20 -0.71 -1.09 -10.74
C ILE B 20 -0.20 -1.02 -9.31
N ARG B 21 0.26 -2.16 -8.79
CA ARG B 21 1.00 -2.22 -7.55
C ARG B 21 2.48 -2.18 -7.93
N ALA B 22 3.17 -1.15 -7.46
CA ALA B 22 4.51 -0.85 -7.95
C ALA B 22 5.49 -0.57 -6.81
N PRO B 23 6.78 -0.86 -7.05
CA PRO B 23 7.85 -0.56 -6.09
C PRO B 23 8.22 0.92 -6.10
N ALA B 24 9.03 1.31 -5.11
CA ALA B 24 9.50 2.68 -4.95
C ALA B 24 10.62 3.03 -5.93
N ASN B 25 11.28 2.01 -6.47
CA ASN B 25 12.40 2.21 -7.37
C ASN B 25 12.56 1.02 -8.29
N ASN B 26 13.57 1.10 -9.16
CA ASN B 26 13.78 0.09 -10.20
C ASN B 26 14.77 -1.02 -9.84
N ASN B 27 15.11 -1.18 -8.56
CA ASN B 27 16.04 -2.23 -8.14
C ASN B 27 15.41 -3.61 -8.17
N PRO B 28 16.22 -4.63 -8.50
CA PRO B 28 15.67 -5.96 -8.60
C PRO B 28 15.37 -6.63 -7.26
N VAL B 29 14.43 -7.55 -7.30
CA VAL B 29 14.28 -8.54 -6.27
C VAL B 29 15.27 -9.67 -6.57
N THR B 30 15.97 -10.15 -5.54
CA THR B 30 16.93 -11.24 -5.75
C THR B 30 16.72 -12.47 -4.88
N ASP B 31 15.80 -12.38 -3.91
CA ASP B 31 15.50 -13.49 -2.99
C ASP B 31 14.16 -14.10 -3.39
N VAL B 32 14.21 -15.28 -4.01
CA VAL B 32 12.98 -15.92 -4.48
C VAL B 32 12.07 -16.43 -3.34
N MET B 33 12.59 -16.47 -2.12
CA MET B 33 11.78 -16.86 -0.96
C MET B 33 11.22 -15.66 -0.18
N SER B 34 11.56 -14.45 -0.62
CA SER B 34 11.02 -13.23 -0.03
C SER B 34 9.59 -13.01 -0.52
N SER B 35 8.76 -12.41 0.33
CA SER B 35 7.43 -11.99 -0.11
C SER B 35 7.51 -10.97 -1.27
N ASP B 36 8.65 -10.30 -1.41
CA ASP B 36 8.89 -9.39 -2.54
C ASP B 36 8.83 -10.10 -3.89
N ILE B 37 9.01 -11.41 -3.91
CA ILE B 37 8.91 -12.16 -5.18
C ILE B 37 7.48 -12.17 -5.74
N ILE B 38 6.49 -11.87 -4.92
CA ILE B 38 5.08 -11.95 -5.37
C ILE B 38 4.73 -10.78 -6.30
N CYS B 39 4.76 -9.56 -5.78
N CYS B 39 4.75 -9.56 -5.76
CA CYS B 39 4.43 -8.36 -6.55
CA CYS B 39 4.42 -8.33 -6.49
C CYS B 39 5.50 -7.26 -6.38
C CYS B 39 5.49 -7.26 -6.34
N ASN B 40 6.70 -7.65 -5.94
CA ASN B 40 7.78 -6.69 -5.59
C ASN B 40 7.51 -6.09 -4.22
N ALA B 41 8.40 -5.20 -3.76
CA ALA B 41 8.22 -4.49 -2.51
C ALA B 41 7.32 -3.28 -2.81
N VAL B 42 6.03 -3.48 -2.63
CA VAL B 42 5.03 -2.52 -3.09
C VAL B 42 4.98 -1.29 -2.19
N THR B 43 5.15 -0.11 -2.77
CA THR B 43 4.92 1.15 -2.07
C THR B 43 3.90 2.04 -2.75
N MET B 44 3.49 1.68 -3.97
CA MET B 44 2.49 2.43 -4.70
C MET B 44 1.31 1.51 -4.98
N LYS B 45 0.13 1.95 -4.58
CA LYS B 45 -1.03 1.07 -4.44
C LYS B 45 -2.28 1.92 -4.58
N ASP B 46 -3.15 1.60 -5.55
CA ASP B 46 -4.40 2.33 -5.76
C ASP B 46 -5.62 1.41 -5.70
N SER B 47 -6.81 2.00 -5.85
CA SER B 47 -8.07 1.26 -5.75
C SER B 47 -8.70 0.95 -7.11
N ASN B 48 -7.96 1.19 -8.18
CA ASN B 48 -8.47 1.01 -9.54
C ASN B 48 -8.32 -0.43 -9.98
N VAL B 49 -9.38 -0.97 -10.58
CA VAL B 49 -9.35 -2.32 -11.14
C VAL B 49 -9.66 -2.22 -12.63
N LEU B 50 -8.73 -2.71 -13.45
CA LEU B 50 -8.81 -2.54 -14.89
C LEU B 50 -9.73 -3.61 -15.49
N THR B 51 -10.62 -3.19 -16.39
CA THR B 51 -11.52 -4.11 -17.06
C THR B 51 -10.79 -4.75 -18.23
N VAL B 52 -10.73 -6.07 -18.23
CA VAL B 52 -10.06 -6.82 -19.30
C VAL B 52 -10.99 -7.89 -19.83
N PRO B 53 -11.53 -7.68 -21.04
CA PRO B 53 -12.34 -8.74 -21.63
C PRO B 53 -11.55 -10.03 -21.83
N ALA B 54 -12.13 -11.17 -21.47
CA ALA B 54 -11.52 -12.44 -21.81
C ALA B 54 -11.28 -12.44 -23.32
N GLY B 55 -10.08 -12.84 -23.74
CA GLY B 55 -9.72 -12.82 -25.16
C GLY B 55 -8.99 -11.57 -25.61
N ALA B 56 -8.95 -10.55 -24.75
CA ALA B 56 -8.33 -9.27 -25.11
C ALA B 56 -6.83 -9.41 -25.29
N LYS B 57 -6.27 -8.57 -26.17
CA LYS B 57 -4.82 -8.43 -26.27
C LYS B 57 -4.37 -7.49 -25.15
N VAL B 58 -3.53 -8.01 -24.26
CA VAL B 58 -3.09 -7.26 -23.10
C VAL B 58 -1.64 -6.85 -23.24
N GLY B 59 -1.37 -5.55 -23.11
CA GLY B 59 -0.02 -5.03 -23.12
C GLY B 59 0.38 -4.70 -21.69
N HIS B 60 1.62 -4.98 -21.37
CA HIS B 60 2.24 -4.46 -20.15
C HIS B 60 3.49 -3.68 -20.54
N PHE B 61 3.63 -2.50 -19.94
CA PHE B 61 4.67 -1.54 -20.32
C PHE B 61 5.68 -1.38 -19.21
N TRP B 62 6.95 -1.39 -19.59
CA TRP B 62 8.07 -1.31 -18.66
C TRP B 62 8.89 -0.09 -19.01
N GLY B 63 9.35 0.60 -17.98
CA GLY B 63 10.15 1.81 -18.13
C GLY B 63 11.32 1.82 -17.15
N HIS B 64 12.42 2.41 -17.59
CA HIS B 64 13.62 2.46 -16.78
C HIS B 64 13.32 3.05 -15.40
N GLU B 65 12.62 4.18 -15.39
N GLU B 65 12.60 4.18 -15.42
CA GLU B 65 12.13 4.79 -14.15
CA GLU B 65 12.13 4.86 -14.21
C GLU B 65 10.63 5.00 -14.31
C GLU B 65 10.62 4.97 -14.31
N ILE B 66 9.98 5.46 -13.25
CA ILE B 66 8.56 5.82 -13.33
C ILE B 66 8.51 7.01 -14.28
N GLY B 67 7.74 6.87 -15.36
CA GLY B 67 7.70 7.87 -16.42
C GLY B 67 8.44 7.46 -17.67
N GLY B 68 9.26 6.42 -17.59
CA GLY B 68 10.00 5.91 -18.74
C GLY B 68 11.48 6.23 -18.67
N ALA B 69 11.95 7.04 -19.62
CA ALA B 69 13.37 7.41 -19.68
C ALA B 69 13.81 8.21 -18.46
N ALA B 70 15.03 7.94 -17.99
CA ALA B 70 15.63 8.67 -16.87
C ALA B 70 16.18 10.02 -17.31
N GLY B 71 16.50 10.14 -18.59
CA GLY B 71 16.97 11.39 -19.17
C GLY B 71 16.90 11.36 -20.68
N PRO B 72 17.54 12.34 -21.35
CA PRO B 72 17.54 12.35 -22.80
C PRO B 72 18.43 11.23 -23.34
N ASN B 73 18.01 10.62 -24.46
CA ASN B 73 18.77 9.53 -25.07
C ASN B 73 19.12 8.47 -24.04
N ASP B 74 18.12 8.00 -23.30
CA ASP B 74 18.32 6.98 -22.29
C ASP B 74 18.43 5.61 -22.99
N ALA B 75 19.65 5.11 -23.08
CA ALA B 75 19.91 3.83 -23.74
C ALA B 75 19.44 2.62 -22.91
N ASP B 76 19.07 2.84 -21.64
CA ASP B 76 18.62 1.76 -20.77
C ASP B 76 17.12 1.82 -20.46
N ASN B 77 16.35 2.41 -21.38
CA ASN B 77 14.89 2.43 -21.31
C ASN B 77 14.39 1.69 -22.56
N PRO B 78 13.56 0.66 -22.42
CA PRO B 78 12.92 0.22 -21.18
C PRO B 78 13.83 -0.47 -20.15
N ILE B 79 14.92 -1.07 -20.61
CA ILE B 79 15.86 -1.75 -19.74
C ILE B 79 17.20 -1.81 -20.48
N ALA B 80 18.30 -1.88 -19.73
CA ALA B 80 19.62 -2.03 -20.31
C ALA B 80 19.68 -3.29 -21.18
N ALA B 81 20.28 -3.14 -22.37
CA ALA B 81 20.40 -4.23 -23.34
C ALA B 81 21.08 -5.47 -22.77
N SER B 82 21.96 -5.28 -21.79
CA SER B 82 22.67 -6.38 -21.14
C SER B 82 21.77 -7.36 -20.39
N HIS B 83 20.59 -6.89 -19.98
CA HIS B 83 19.71 -7.61 -19.06
C HIS B 83 18.89 -8.72 -19.75
N LYS B 84 19.58 -9.64 -20.42
CA LYS B 84 18.90 -10.70 -21.17
C LYS B 84 18.13 -11.62 -20.24
N GLY B 85 16.95 -12.03 -20.68
CA GLY B 85 16.18 -12.98 -19.92
C GLY B 85 14.76 -13.10 -20.41
N PRO B 86 13.98 -13.95 -19.73
CA PRO B 86 12.59 -14.22 -20.07
C PRO B 86 11.62 -13.19 -19.50
N ILE B 87 10.42 -13.18 -20.06
CA ILE B 87 9.33 -12.31 -19.60
C ILE B 87 8.12 -13.21 -19.46
N MET B 88 7.46 -13.12 -18.31
N MET B 88 7.41 -13.07 -18.35
CA MET B 88 6.31 -13.98 -18.00
CA MET B 88 6.35 -14.00 -17.97
C MET B 88 5.17 -13.20 -17.39
C MET B 88 5.19 -13.25 -17.30
N VAL B 89 3.98 -13.79 -17.48
CA VAL B 89 2.79 -13.22 -16.84
C VAL B 89 2.02 -14.37 -16.14
N TYR B 90 1.58 -14.09 -14.92
CA TYR B 90 0.76 -15.02 -14.15
C TYR B 90 -0.53 -14.31 -13.74
N LEU B 91 -1.58 -15.09 -13.50
CA LEU B 91 -2.80 -14.59 -12.88
C LEU B 91 -3.10 -15.36 -11.60
N ALA B 92 -3.78 -14.70 -10.66
CA ALA B 92 -4.34 -15.37 -9.49
C ALA B 92 -5.73 -14.82 -9.23
N LYS B 93 -6.68 -15.72 -9.00
CA LYS B 93 -8.04 -15.31 -8.65
C LYS B 93 -8.06 -14.76 -7.24
N VAL B 94 -8.74 -13.64 -7.04
CA VAL B 94 -8.81 -12.98 -5.73
C VAL B 94 -10.23 -12.52 -5.44
N ASP B 95 -10.51 -12.17 -4.19
CA ASP B 95 -11.84 -11.70 -3.82
C ASP B 95 -12.15 -10.30 -4.39
N ASN B 96 -11.20 -9.39 -4.23
CA ASN B 96 -11.33 -8.04 -4.72
C ASN B 96 -9.91 -7.59 -5.03
N ALA B 97 -9.64 -7.29 -6.30
CA ALA B 97 -8.29 -6.97 -6.75
C ALA B 97 -7.76 -5.67 -6.14
N ALA B 98 -8.66 -4.76 -5.77
CA ALA B 98 -8.27 -3.47 -5.19
C ALA B 98 -7.87 -3.58 -3.72
N THR B 99 -8.31 -4.62 -3.03
CA THR B 99 -8.07 -4.74 -1.59
C THR B 99 -7.32 -5.99 -1.13
N THR B 100 -7.23 -7.00 -1.99
CA THR B 100 -6.66 -8.29 -1.58
C THR B 100 -5.22 -8.18 -1.12
N GLY B 101 -4.86 -8.99 -0.13
CA GLY B 101 -3.48 -9.27 0.18
C GLY B 101 -2.93 -10.19 -0.88
N THR B 102 -1.62 -10.39 -0.87
CA THR B 102 -0.97 -11.16 -1.93
C THR B 102 -0.44 -12.51 -1.46
N SER B 103 -0.62 -12.84 -0.19
CA SER B 103 -0.13 -14.11 0.36
C SER B 103 -1.14 -15.24 0.16
N GLY B 104 -0.62 -16.44 -0.12
CA GLY B 104 -1.46 -17.65 -0.19
C GLY B 104 -2.30 -17.79 -1.45
N LEU B 105 -2.01 -16.99 -2.46
CA LEU B 105 -2.78 -17.02 -3.70
C LEU B 105 -2.33 -18.20 -4.58
N LYS B 106 -3.19 -18.58 -5.52
CA LYS B 106 -2.93 -19.69 -6.43
C LYS B 106 -2.68 -19.15 -7.83
N TRP B 107 -1.41 -19.07 -8.20
CA TRP B 107 -1.02 -18.42 -9.43
C TRP B 107 -0.92 -19.42 -10.57
N PHE B 108 -1.39 -19.03 -11.75
CA PHE B 108 -1.17 -19.82 -12.95
C PHE B 108 -0.52 -18.96 -14.05
N LYS B 109 0.32 -19.61 -14.86
CA LYS B 109 1.08 -18.92 -15.89
C LYS B 109 0.20 -18.74 -17.13
N VAL B 110 0.13 -17.50 -17.63
CA VAL B 110 -0.65 -17.22 -18.86
C VAL B 110 0.19 -16.71 -20.03
N ALA B 111 1.46 -16.38 -19.80
CA ALA B 111 2.34 -16.01 -20.88
C ALA B 111 3.79 -16.26 -20.49
N GLU B 112 4.60 -16.68 -21.45
CA GLU B 112 6.04 -16.81 -21.22
C GLU B 112 6.81 -16.76 -22.52
N ALA B 113 8.02 -16.22 -22.45
CA ALA B 113 8.94 -16.27 -23.57
C ALA B 113 10.35 -16.21 -23.01
N GLY B 114 11.26 -16.95 -23.65
CA GLY B 114 12.62 -17.07 -23.15
C GLY B 114 13.62 -16.72 -24.23
N LEU B 115 14.39 -17.72 -24.65
CA LEU B 115 15.40 -17.54 -25.71
C LEU B 115 14.97 -18.34 -26.92
N SER B 116 14.71 -17.65 -28.03
CA SER B 116 14.08 -18.25 -29.19
C SER B 116 14.58 -17.57 -30.45
N ASN B 117 15.00 -18.36 -31.42
CA ASN B 117 15.45 -17.84 -32.70
C ASN B 117 16.50 -16.74 -32.54
N GLY B 118 17.46 -16.99 -31.65
CA GLY B 118 18.63 -16.14 -31.50
C GLY B 118 18.44 -14.89 -30.66
N LYS B 119 17.30 -14.77 -29.97
CA LYS B 119 17.08 -13.58 -29.15
C LYS B 119 16.18 -13.86 -27.95
N TRP B 120 16.30 -12.97 -26.97
CA TRP B 120 15.60 -13.11 -25.71
C TRP B 120 14.32 -12.31 -25.70
N ALA B 121 13.41 -12.68 -24.81
CA ALA B 121 12.20 -11.89 -24.59
C ALA B 121 12.51 -10.42 -24.33
N VAL B 122 13.56 -10.16 -23.57
CA VAL B 122 14.00 -8.79 -23.28
C VAL B 122 14.35 -8.02 -24.58
N ASP B 123 14.96 -8.70 -25.53
CA ASP B 123 15.26 -8.09 -26.83
C ASP B 123 13.98 -7.62 -27.53
N ASP B 124 12.93 -8.44 -27.47
CA ASP B 124 11.64 -8.06 -28.06
C ASP B 124 11.04 -6.87 -27.31
N LEU B 125 11.17 -6.85 -26.00
CA LEU B 125 10.67 -5.74 -25.19
C LEU B 125 11.31 -4.43 -25.60
N ILE B 126 12.63 -4.46 -25.78
CA ILE B 126 13.38 -3.29 -26.22
C ILE B 126 12.93 -2.85 -27.63
N ALA B 127 12.81 -3.80 -28.54
CA ALA B 127 12.39 -3.49 -29.91
C ALA B 127 10.97 -2.91 -29.95
N ASN B 128 10.13 -3.32 -29.01
CA ASN B 128 8.75 -2.83 -28.92
C ASN B 128 8.57 -1.64 -27.96
N ASN B 129 9.67 -0.96 -27.66
CA ASN B 129 9.63 0.29 -26.89
C ASN B 129 8.99 0.15 -25.52
N GLY B 130 9.24 -0.99 -24.87
CA GLY B 130 8.80 -1.19 -23.49
C GLY B 130 7.51 -1.95 -23.33
N TRP B 131 6.84 -2.28 -24.44
CA TRP B 131 5.58 -3.02 -24.42
C TRP B 131 5.79 -4.50 -24.71
N SER B 132 5.12 -5.33 -23.92
CA SER B 132 5.07 -6.78 -24.13
C SER B 132 3.61 -7.20 -24.14
N TYR B 133 3.25 -8.17 -24.97
CA TYR B 133 1.84 -8.52 -25.17
C TYR B 133 1.53 -10.00 -24.97
N PHE B 134 0.32 -10.28 -24.51
CA PHE B 134 -0.22 -11.63 -24.51
C PHE B 134 -1.73 -11.56 -24.70
N ASP B 135 -2.33 -12.68 -25.05
CA ASP B 135 -3.78 -12.77 -25.19
C ASP B 135 -4.38 -13.35 -23.92
N MET B 136 -5.29 -12.60 -23.30
CA MET B 136 -6.00 -13.07 -22.11
C MET B 136 -6.84 -14.28 -22.52
N PRO B 137 -6.66 -15.42 -21.82
CA PRO B 137 -7.44 -16.61 -22.19
C PRO B 137 -8.94 -16.33 -22.27
N THR B 138 -9.63 -16.94 -23.23
CA THR B 138 -11.08 -16.76 -23.37
C THR B 138 -11.89 -17.57 -22.36
N CYS B 139 -11.30 -18.62 -21.79
CA CYS B 139 -12.04 -19.63 -21.02
C CYS B 139 -11.93 -19.51 -19.50
N ILE B 140 -11.06 -18.63 -18.99
CA ILE B 140 -10.94 -18.50 -17.54
C ILE B 140 -12.20 -17.92 -16.95
N ALA B 141 -12.48 -18.27 -15.69
CA ALA B 141 -13.63 -17.75 -14.98
C ALA B 141 -13.54 -16.22 -14.94
N PRO B 142 -14.69 -15.53 -15.10
CA PRO B 142 -14.66 -14.06 -15.03
C PRO B 142 -14.34 -13.58 -13.62
N GLY B 143 -13.99 -12.30 -13.50
CA GLY B 143 -13.91 -11.64 -12.21
C GLY B 143 -12.54 -11.14 -11.80
N GLN B 144 -12.32 -11.04 -10.50
CA GLN B 144 -11.17 -10.32 -9.96
C GLN B 144 -9.91 -11.17 -9.98
N TYR B 145 -8.85 -10.62 -10.56
CA TYR B 145 -7.54 -11.28 -10.55
C TYR B 145 -6.45 -10.26 -10.24
N LEU B 146 -5.34 -10.75 -9.69
CA LEU B 146 -4.09 -10.02 -9.79
C LEU B 146 -3.31 -10.58 -10.96
N MET B 147 -2.66 -9.70 -11.71
CA MET B 147 -1.87 -10.07 -12.87
C MET B 147 -0.42 -9.71 -12.57
N ARG B 148 0.41 -10.72 -12.39
CA ARG B 148 1.80 -10.57 -12.01
C ARG B 148 2.67 -10.61 -13.25
N ALA B 149 3.35 -9.51 -13.56
CA ALA B 149 4.24 -9.44 -14.72
C ALA B 149 5.67 -9.46 -14.24
N GLU B 150 6.52 -10.17 -14.98
CA GLU B 150 7.85 -10.48 -14.51
C GLU B 150 8.85 -10.51 -15.63
N LEU B 151 10.02 -9.93 -15.36
CA LEU B 151 11.15 -9.98 -16.24
C LEU B 151 12.34 -10.41 -15.39
N ILE B 152 13.07 -11.43 -15.83
CA ILE B 152 14.23 -11.92 -15.08
C ILE B 152 15.49 -11.63 -15.89
N ALA B 153 16.34 -10.74 -15.37
CA ALA B 153 17.61 -10.41 -16.02
C ALA B 153 18.69 -11.36 -15.53
N LEU B 154 19.40 -11.99 -16.47
CA LEU B 154 20.30 -13.10 -16.17
C LEU B 154 21.78 -12.81 -16.39
N HIS B 155 22.11 -11.54 -16.60
CA HIS B 155 23.49 -11.16 -16.90
C HIS B 155 24.48 -11.40 -15.74
N ASN B 156 23.96 -11.49 -14.52
CA ASN B 156 24.74 -11.88 -13.35
C ASN B 156 24.14 -13.10 -12.64
N ALA B 157 23.44 -13.95 -13.39
CA ALA B 157 22.71 -15.08 -12.80
C ALA B 157 23.59 -16.30 -12.53
N GLY B 158 24.86 -16.22 -12.91
CA GLY B 158 25.82 -17.27 -12.59
C GLY B 158 26.17 -17.27 -11.11
N SER B 159 26.01 -16.12 -10.44
N SER B 159 26.00 -16.12 -10.46
CA SER B 159 26.25 -16.03 -9.02
CA SER B 159 26.21 -15.96 -9.02
C SER B 159 25.01 -16.45 -8.23
C SER B 159 25.01 -16.46 -8.23
N GLN B 160 25.24 -16.83 -6.98
CA GLN B 160 24.16 -17.24 -6.09
C GLN B 160 23.24 -16.06 -5.80
N ALA B 161 21.94 -16.25 -6.01
CA ALA B 161 20.97 -15.15 -5.89
C ALA B 161 21.34 -13.96 -6.79
N GLY B 162 21.98 -14.28 -7.93
CA GLY B 162 22.41 -13.26 -8.88
C GLY B 162 21.35 -12.89 -9.89
N ALA B 163 20.40 -13.79 -10.16
CA ALA B 163 19.29 -13.48 -11.06
C ALA B 163 18.54 -12.25 -10.55
N GLN B 164 18.15 -11.37 -11.46
CA GLN B 164 17.52 -10.10 -11.09
C GLN B 164 16.06 -10.09 -11.53
N PHE B 165 15.16 -10.10 -10.56
CA PHE B 165 13.73 -10.20 -10.82
C PHE B 165 13.12 -8.80 -10.80
N TYR B 166 12.53 -8.40 -11.92
CA TYR B 166 11.78 -7.14 -12.02
C TYR B 166 10.31 -7.51 -12.15
N ILE B 167 9.51 -7.05 -11.19
CA ILE B 167 8.18 -7.60 -10.96
C ILE B 167 7.21 -6.49 -10.57
N GLY B 168 5.96 -6.62 -11.00
CA GLY B 168 4.88 -5.79 -10.49
C GLY B 168 3.58 -6.53 -10.73
N CYS B 169 2.48 -6.01 -10.16
N CYS B 169 2.47 -6.02 -10.21
CA CYS B 169 1.16 -6.61 -10.35
CA CYS B 169 1.19 -6.65 -10.50
C CYS B 169 0.13 -5.57 -10.77
C CYS B 169 0.05 -5.67 -10.65
N ALA B 170 -0.84 -5.99 -11.58
CA ALA B 170 -1.97 -5.14 -11.93
C ALA B 170 -3.23 -5.75 -11.32
N GLN B 171 -4.17 -4.86 -11.01
CA GLN B 171 -5.48 -5.24 -10.44
C GLN B 171 -6.48 -5.25 -11.58
N ILE B 172 -7.01 -6.42 -11.90
CA ILE B 172 -7.88 -6.55 -13.08
C ILE B 172 -9.18 -7.26 -12.78
N ASN B 173 -10.13 -7.03 -13.67
CA ASN B 173 -11.43 -7.65 -13.64
C ASN B 173 -11.69 -8.19 -15.04
N VAL B 174 -11.68 -9.52 -15.16
CA VAL B 174 -11.87 -10.17 -16.44
C VAL B 174 -13.37 -10.29 -16.71
N THR B 175 -13.81 -9.84 -17.87
CA THR B 175 -15.24 -9.91 -18.20
C THR B 175 -15.50 -10.96 -19.27
N GLY B 176 -16.73 -11.48 -19.27
CA GLY B 176 -17.11 -12.57 -20.17
C GLY B 176 -16.57 -13.87 -19.63
N GLY B 177 -15.68 -14.50 -20.38
CA GLY B 177 -14.95 -15.66 -19.90
C GLY B 177 -15.71 -16.98 -19.94
N GLY B 178 -15.15 -17.96 -19.26
CA GLY B 178 -15.73 -19.30 -19.21
C GLY B 178 -15.76 -19.81 -17.79
N SER B 179 -15.40 -21.07 -17.61
N SER B 179 -15.36 -21.06 -17.62
CA SER B 179 -15.38 -21.70 -16.29
CA SER B 179 -15.42 -21.72 -16.32
C SER B 179 -14.20 -22.64 -16.15
C SER B 179 -14.17 -22.57 -16.04
N ALA B 180 -13.06 -22.25 -16.70
CA ALA B 180 -11.85 -23.08 -16.62
C ALA B 180 -11.31 -23.17 -15.19
N SER B 181 -10.66 -24.29 -14.89
CA SER B 181 -9.96 -24.45 -13.63
C SER B 181 -8.51 -24.78 -13.93
N PRO B 182 -7.65 -23.74 -14.06
CA PRO B 182 -6.25 -24.03 -14.33
C PRO B 182 -5.71 -25.01 -13.29
N SER B 183 -5.10 -26.10 -13.76
CA SER B 183 -4.70 -27.18 -12.87
C SER B 183 -3.29 -27.00 -12.31
N ASN B 184 -2.41 -26.35 -13.07
CA ASN B 184 -1.02 -26.18 -12.69
C ASN B 184 -0.76 -24.86 -11.97
N THR B 185 -1.44 -24.65 -10.85
CA THR B 185 -1.22 -23.44 -10.04
C THR B 185 -0.05 -23.62 -9.09
N VAL B 186 0.57 -22.49 -8.72
CA VAL B 186 1.72 -22.48 -7.84
C VAL B 186 1.62 -21.38 -6.79
N SER B 187 2.44 -21.49 -5.76
CA SER B 187 2.55 -20.47 -4.73
C SER B 187 3.71 -19.53 -5.01
N PHE B 188 3.56 -18.27 -4.61
CA PHE B 188 4.69 -17.35 -4.51
C PHE B 188 4.70 -16.77 -3.10
N PRO B 189 5.83 -16.88 -2.38
CA PRO B 189 7.00 -17.66 -2.77
C PRO B 189 6.71 -19.15 -2.83
N GLY B 190 7.56 -19.88 -3.54
CA GLY B 190 7.46 -21.33 -3.61
C GLY B 190 7.72 -21.88 -4.99
N ALA B 191 7.18 -21.21 -6.00
CA ALA B 191 7.27 -21.67 -7.39
C ALA B 191 8.70 -21.74 -7.90
N TYR B 192 9.52 -20.78 -7.48
CA TYR B 192 10.91 -20.70 -7.88
C TYR B 192 11.88 -21.13 -6.79
N SER B 193 12.94 -21.79 -7.22
CA SER B 193 14.05 -22.17 -6.37
C SER B 193 15.31 -21.50 -6.90
N ALA B 194 16.20 -21.13 -5.99
CA ALA B 194 17.43 -20.46 -6.37
C ALA B 194 18.37 -21.35 -7.20
N SER B 195 18.12 -22.65 -7.23
CA SER B 195 18.91 -23.58 -8.04
C SER B 195 18.22 -23.99 -9.34
N ASP B 196 17.06 -23.39 -9.66
CA ASP B 196 16.39 -23.70 -10.93
C ASP B 196 17.33 -23.44 -12.10
N PRO B 197 17.26 -24.28 -13.13
CA PRO B 197 18.21 -24.17 -14.24
C PRO B 197 18.08 -22.89 -15.08
N GLY B 198 16.96 -22.18 -14.94
CA GLY B 198 16.77 -20.89 -15.61
C GLY B 198 17.00 -19.69 -14.70
N ILE B 199 17.40 -19.95 -13.45
CA ILE B 199 17.62 -18.91 -12.45
C ILE B 199 19.09 -18.88 -12.04
N LEU B 200 19.66 -20.04 -11.70
CA LEU B 200 21.10 -20.15 -11.47
C LEU B 200 21.73 -20.64 -12.76
N ILE B 201 22.27 -19.71 -13.54
CA ILE B 201 22.61 -19.99 -14.93
C ILE B 201 23.66 -19.02 -15.42
N ASN B 202 24.69 -19.58 -16.07
CA ASN B 202 25.70 -18.78 -16.77
C ASN B 202 25.28 -18.73 -18.23
N ILE B 203 24.79 -17.58 -18.67
CA ILE B 203 24.25 -17.45 -20.04
C ILE B 203 25.30 -17.14 -21.10
N TYR B 204 26.56 -17.08 -20.69
CA TYR B 204 27.63 -16.67 -21.59
C TYR B 204 28.28 -17.89 -22.21
N GLY B 205 28.37 -17.91 -23.55
CA GLY B 205 28.89 -19.05 -24.27
C GLY B 205 30.38 -18.98 -24.48
N GLY B 206 30.87 -19.83 -25.37
CA GLY B 206 32.31 -19.98 -25.62
C GLY B 206 33.00 -18.69 -26.00
N SER B 207 32.34 -17.88 -26.82
CA SER B 207 32.89 -16.62 -27.28
C SER B 207 32.47 -15.42 -26.41
N GLY B 208 31.86 -15.70 -25.26
CA GLY B 208 31.52 -14.66 -24.31
C GLY B 208 30.23 -13.92 -24.61
N LYS B 209 29.41 -14.46 -25.52
CA LYS B 209 28.14 -13.83 -25.87
C LYS B 209 27.00 -14.49 -25.11
N THR B 210 25.86 -13.79 -25.03
CA THR B 210 24.74 -14.19 -24.19
C THR B 210 23.78 -15.16 -24.90
N ASP B 211 24.34 -16.23 -25.45
CA ASP B 211 23.60 -17.21 -26.24
C ASP B 211 23.33 -18.51 -25.47
N ASN B 212 23.61 -18.49 -24.16
CA ASN B 212 23.50 -19.68 -23.33
C ASN B 212 24.27 -20.88 -23.88
N GLY B 213 25.36 -20.61 -24.60
CA GLY B 213 26.15 -21.67 -25.22
C GLY B 213 25.38 -22.58 -26.16
N GLY B 214 24.27 -22.10 -26.70
CA GLY B 214 23.42 -22.90 -27.59
C GLY B 214 22.51 -23.90 -26.89
N LYS B 215 22.49 -23.87 -25.56
CA LYS B 215 21.69 -24.80 -24.78
C LYS B 215 20.30 -24.21 -24.63
N PRO B 216 19.27 -25.06 -24.58
CA PRO B 216 17.93 -24.54 -24.36
C PRO B 216 17.83 -23.78 -23.05
N TYR B 217 17.14 -22.64 -23.06
CA TYR B 217 16.87 -21.91 -21.84
C TYR B 217 15.58 -22.42 -21.24
N GLN B 218 15.65 -22.91 -20.01
CA GLN B 218 14.50 -23.47 -19.33
C GLN B 218 13.81 -22.43 -18.47
N ILE B 219 12.70 -21.91 -18.99
CA ILE B 219 11.98 -20.83 -18.31
C ILE B 219 11.45 -21.36 -16.98
N PRO B 220 11.65 -20.61 -15.88
CA PRO B 220 11.17 -21.09 -14.57
C PRO B 220 9.66 -21.15 -14.47
N GLY B 221 9.18 -21.90 -13.48
CA GLY B 221 7.77 -21.94 -13.18
C GLY B 221 6.99 -23.03 -13.90
N PRO B 222 5.68 -23.04 -13.68
CA PRO B 222 4.79 -24.11 -14.13
C PRO B 222 4.46 -24.06 -15.61
N ALA B 223 3.74 -25.09 -16.06
CA ALA B 223 3.26 -25.15 -17.42
C ALA B 223 2.34 -23.97 -17.74
N LEU B 224 2.36 -23.55 -19.00
CA LEU B 224 1.52 -22.47 -19.50
C LEU B 224 0.06 -22.90 -19.57
N PHE B 225 -0.83 -22.05 -19.05
CA PHE B 225 -2.25 -22.25 -19.24
C PHE B 225 -2.73 -21.54 -20.50
N THR B 226 -3.35 -22.30 -21.41
CA THR B 226 -4.13 -21.75 -22.52
C THR B 226 -5.44 -22.54 -22.64
N CYS B 227 -6.39 -22.02 -23.40
CA CYS B 227 -7.69 -22.65 -23.54
C CYS B 227 -7.70 -23.69 -24.66
CU CU C . -20.20 4.26 12.92
C1 GOL D . -15.02 15.00 33.26
O1 GOL D . -13.62 15.30 33.22
C2 GOL D . -15.83 15.90 32.33
O2 GOL D . -15.70 17.27 32.72
C3 GOL D . -17.29 15.49 32.39
O3 GOL D . -17.98 16.00 31.25
C1 GOL E . -8.05 24.32 6.94
O1 GOL E . -8.39 23.29 7.85
C2 GOL E . -8.99 24.37 5.73
O2 GOL E . -8.65 23.31 4.82
C3 GOL E . -10.46 24.22 6.16
O3 GOL E . -10.73 25.10 7.26
CU CU F . 19.48 -3.41 -14.05
C1 GOL G . 5.80 -13.51 -23.41
O1 GOL G . 7.02 -12.98 -22.86
C2 GOL G . 4.81 -12.38 -23.62
O2 GOL G . 3.60 -12.92 -24.18
C3 GOL G . 4.52 -11.68 -22.31
O3 GOL G . 3.64 -10.59 -22.57
C1 GOL H . 17.27 -20.55 -29.79
O1 GOL H . 17.98 -19.99 -30.90
C2 GOL H . 16.39 -21.71 -30.25
O2 GOL H . 15.24 -21.19 -30.95
C3 GOL H . 15.95 -22.51 -29.04
O3 GOL H . 14.86 -23.39 -29.39
C1 GOL I . -0.74 1.76 -26.07
O1 GOL I . -0.91 2.92 -26.89
C2 GOL I . 0.29 0.83 -26.69
O2 GOL I . 0.06 0.68 -28.09
C3 GOL I . 0.18 -0.53 -25.99
O3 GOL I . -0.92 -1.27 -26.49
#